data_6DRY
#
_entry.id   6DRY
#
_cell.length_a   59.662
_cell.length_b   119.452
_cell.length_c   171.021
_cell.angle_alpha   90.00
_cell.angle_beta   90.00
_cell.angle_gamma   90.00
#
_symmetry.space_group_name_H-M   'C 2 2 21'
#
loop_
_entity.id
_entity.type
_entity.pdbx_description
1 polymer '5HT2B receptor, BRIL chimera'
2 non-polymer (8beta)-N-[(2S)-1-hydroxybutan-2-yl]-6-methyl-9,10-didehydroergoline-8-carboxamide
3 non-polymer CHOLESTEROL
4 non-polymer 'OLEIC ACID'
5 non-polymer '(2R)-2,3-dihydroxypropyl (9Z)-octadec-9-enoate'
6 non-polymer DI(HYDROXYETHYL)ETHER
7 non-polymer 'PHOSPHATE ION'
8 water water
#
_entity_poly.entity_id   1
_entity_poly.type   'polypeptide(L)'
_entity_poly.pdbx_seq_one_letter_code
;TESIPEEMKQIVEEQGNKLHWAALLILMVIIPTIGGNTLVILAVSLEKKLQYATNYFLMSLAVADLLVGLFVMPIALLTI
MFEAMWPLPLVLCPAWLFLDVLFSTASIWHLCAISVDRYIAIKKPIQANQYNSRATAFIKITVVWLISIGIAIPVPIKGI
ETDVDNPNNITCVLTKERFGDFMLFGSLAAFFTPLAIMIVTYFLTIHALQKKAADLEDNWETLNDNLKVIEKADNAAQVK
DALTKMRAAALDAQKATPPKLEDKSPDSPEMKDFRHGFDILVGQIDDALKLANEGKVKEAQAAAEQLKTTRNAYIQKYLV
QTISNEQRASKVLGIVFFLFLLMWCPFFITNITLVLCDSCNQTTLQMLLEIFVWIGYVSSGVNPLVYTLFNKTFRDAFGR
YITCNYRATKS
;
_entity_poly.pdbx_strand_id   A
#
loop_
_chem_comp.id
_chem_comp.type
_chem_comp.name
_chem_comp.formula
CLR non-polymer CHOLESTEROL 'C27 H46 O'
H8D non-polymer (8beta)-N-[(2S)-1-hydroxybutan-2-yl]-6-methyl-9,10-didehydroergoline-8-carboxamide 'C20 H25 N3 O2'
OLA non-polymer 'OLEIC ACID' 'C18 H34 O2'
OLC non-polymer '(2R)-2,3-dihydroxypropyl (9Z)-octadec-9-enoate' 'C21 H40 O4'
PEG non-polymer DI(HYDROXYETHYL)ETHER 'C4 H10 O3'
PO4 non-polymer 'PHOSPHATE ION' 'O4 P -3'
#
# COMPACT_ATOMS: atom_id res chain seq x y z
N MET A 8 -50.04 22.57 7.05
CA MET A 8 -50.27 22.39 5.62
C MET A 8 -50.60 20.96 5.27
N LYS A 9 -51.88 20.69 5.01
CA LYS A 9 -52.28 19.36 4.54
C LYS A 9 -51.70 19.04 3.17
N GLN A 10 -51.36 20.07 2.39
CA GLN A 10 -50.70 19.82 1.10
C GLN A 10 -49.31 19.22 1.30
N ILE A 11 -48.61 19.65 2.34
CA ILE A 11 -47.26 19.18 2.62
C ILE A 11 -47.31 17.73 3.11
N VAL A 12 -47.03 16.79 2.21
CA VAL A 12 -47.04 15.37 2.54
C VAL A 12 -45.63 14.85 2.33
N GLU A 13 -44.88 14.73 3.43
CA GLU A 13 -43.57 14.09 3.40
C GLU A 13 -43.80 12.59 3.61
N GLU A 14 -44.01 11.88 2.50
CA GLU A 14 -44.26 10.44 2.61
C GLU A 14 -43.07 9.72 3.21
N GLN A 15 -41.86 10.02 2.73
CA GLN A 15 -40.63 9.33 3.12
C GLN A 15 -40.87 7.82 3.18
N GLY A 16 -41.42 7.30 2.08
CA GLY A 16 -42.04 5.99 2.07
C GLY A 16 -41.12 4.78 2.11
N ASN A 17 -40.32 4.59 1.08
CA ASN A 17 -39.60 3.33 0.94
C ASN A 17 -38.27 3.56 0.25
N LYS A 18 -37.25 2.84 0.74
CA LYS A 18 -35.91 2.83 0.15
C LYS A 18 -35.32 1.43 0.18
N LEU A 19 -36.15 0.41 0.05
CA LEU A 19 -35.67 -0.97 0.09
C LEU A 19 -34.83 -1.31 -1.13
N HIS A 20 -35.19 -0.75 -2.29
CA HIS A 20 -34.46 -1.00 -3.52
C HIS A 20 -33.02 -0.49 -3.46
N TRP A 21 -32.75 0.52 -2.63
CA TRP A 21 -31.37 0.97 -2.44
C TRP A 21 -30.59 0.03 -1.53
N ALA A 22 -31.25 -0.59 -0.56
CA ALA A 22 -30.58 -1.57 0.28
C ALA A 22 -30.17 -2.80 -0.51
N ALA A 23 -31.06 -3.28 -1.40
CA ALA A 23 -30.70 -4.38 -2.27
C ALA A 23 -29.56 -3.99 -3.22
N LEU A 24 -29.53 -2.72 -3.62
CA LEU A 24 -28.42 -2.24 -4.45
C LEU A 24 -27.10 -2.31 -3.71
N LEU A 25 -27.10 -1.95 -2.42
CA LEU A 25 -25.87 -1.88 -1.65
C LEU A 25 -25.37 -3.26 -1.23
N ILE A 26 -26.27 -4.20 -0.95
CA ILE A 26 -25.86 -5.56 -0.66
C ILE A 26 -25.20 -6.18 -1.90
N LEU A 27 -25.85 -6.05 -3.05
CA LEU A 27 -25.40 -6.74 -4.25
C LEU A 27 -24.10 -6.15 -4.79
N MET A 28 -23.92 -4.83 -4.66
CA MET A 28 -22.80 -4.14 -5.28
C MET A 28 -21.70 -3.72 -4.32
N VAL A 29 -22.00 -3.57 -3.03
CA VAL A 29 -21.06 -3.05 -2.05
C VAL A 29 -20.74 -4.07 -0.97
N ILE A 30 -21.77 -4.64 -0.34
CA ILE A 30 -21.54 -5.50 0.82
C ILE A 30 -20.92 -6.82 0.39
N ILE A 31 -21.59 -7.54 -0.53
CA ILE A 31 -21.07 -8.83 -0.98
C ILE A 31 -19.68 -8.72 -1.57
N PRO A 32 -19.37 -7.77 -2.47
CA PRO A 32 -17.99 -7.65 -2.95
C PRO A 32 -16.99 -7.32 -1.86
N THR A 33 -17.43 -6.68 -0.77
CA THR A 33 -16.53 -6.39 0.34
C THR A 33 -16.22 -7.65 1.14
N ILE A 34 -17.24 -8.40 1.52
CA ILE A 34 -17.04 -9.61 2.32
C ILE A 34 -16.26 -10.65 1.52
N GLY A 35 -16.70 -10.90 0.28
CA GLY A 35 -16.02 -11.91 -0.52
C GLY A 35 -14.63 -11.48 -0.95
N GLY A 36 -14.44 -10.20 -1.25
CA GLY A 36 -13.14 -9.74 -1.72
C GLY A 36 -12.06 -9.84 -0.67
N ASN A 37 -12.40 -9.60 0.59
CA ASN A 37 -11.43 -9.68 1.67
C ASN A 37 -11.28 -11.08 2.24
N THR A 38 -12.30 -11.93 2.10
CA THR A 38 -12.14 -13.33 2.48
C THR A 38 -11.10 -14.02 1.60
N LEU A 39 -11.10 -13.71 0.30
CA LEU A 39 -10.13 -14.32 -0.60
C LEU A 39 -8.71 -13.89 -0.26
N VAL A 40 -8.52 -12.62 0.08
CA VAL A 40 -7.19 -12.14 0.48
C VAL A 40 -6.74 -12.85 1.74
N ILE A 41 -7.64 -12.99 2.72
CA ILE A 41 -7.30 -13.71 3.95
C ILE A 41 -7.02 -15.17 3.66
N LEU A 42 -7.86 -15.79 2.82
CA LEU A 42 -7.65 -17.19 2.45
C LEU A 42 -6.28 -17.39 1.79
N ALA A 43 -5.92 -16.49 0.88
CA ALA A 43 -4.67 -16.63 0.14
C ALA A 43 -3.47 -16.65 1.08
N VAL A 44 -3.32 -15.60 1.89
CA VAL A 44 -2.18 -15.51 2.79
C VAL A 44 -2.16 -16.66 3.79
N SER A 45 -3.34 -17.17 4.15
CA SER A 45 -3.40 -18.15 5.23
C SER A 45 -2.95 -19.53 4.79
N LEU A 46 -3.39 -19.98 3.61
CA LEU A 46 -3.17 -21.37 3.21
C LEU A 46 -2.30 -21.51 1.96
N GLU A 47 -1.69 -20.43 1.48
CA GLU A 47 -0.73 -20.49 0.38
C GLU A 47 0.65 -20.17 0.94
N LYS A 48 1.51 -21.19 1.04
CA LYS A 48 2.81 -21.03 1.66
C LYS A 48 3.74 -20.11 0.85
N LYS A 49 3.44 -19.89 -0.42
CA LYS A 49 4.23 -18.98 -1.25
C LYS A 49 3.85 -17.52 -1.05
N LEU A 50 2.86 -17.24 -0.20
CA LEU A 50 2.41 -15.87 0.06
C LEU A 50 2.60 -15.46 1.51
N GLN A 51 3.42 -16.18 2.28
CA GLN A 51 3.55 -15.97 3.72
C GLN A 51 4.90 -15.31 4.00
N TYR A 52 4.90 -13.98 3.99
CA TYR A 52 6.10 -13.21 4.35
C TYR A 52 5.65 -11.92 5.03
N ALA A 53 6.62 -11.04 5.29
CA ALA A 53 6.40 -9.92 6.19
C ALA A 53 5.38 -8.93 5.63
N THR A 54 5.39 -8.73 4.31
CA THR A 54 4.51 -7.72 3.72
C THR A 54 3.04 -8.15 3.81
N ASN A 55 2.75 -9.41 3.46
CA ASN A 55 1.37 -9.86 3.41
C ASN A 55 0.74 -10.00 4.79
N TYR A 56 1.55 -10.07 5.85
CA TYR A 56 0.98 -10.07 7.20
C TYR A 56 0.33 -8.73 7.51
N PHE A 57 0.93 -7.64 7.03
CA PHE A 57 0.32 -6.33 7.15
C PHE A 57 -0.83 -6.14 6.17
N LEU A 58 -0.72 -6.75 4.99
CA LEU A 58 -1.80 -6.68 4.00
C LEU A 58 -3.01 -7.48 4.45
N MET A 59 -2.80 -8.61 5.11
CA MET A 59 -3.90 -9.38 5.66
C MET A 59 -4.60 -8.62 6.77
N SER A 60 -3.84 -7.90 7.59
CA SER A 60 -4.43 -7.04 8.62
C SER A 60 -5.37 -6.01 7.98
N LEU A 61 -4.96 -5.44 6.85
CA LEU A 61 -5.85 -4.54 6.12
C LEU A 61 -7.09 -5.27 5.63
N ALA A 62 -6.92 -6.49 5.12
CA ALA A 62 -8.06 -7.27 4.66
C ALA A 62 -9.01 -7.60 5.80
N VAL A 63 -8.47 -7.82 7.01
CA VAL A 63 -9.33 -8.02 8.18
C VAL A 63 -10.08 -6.74 8.51
N ALA A 64 -9.38 -5.61 8.50
CA ALA A 64 -10.02 -4.33 8.83
C ALA A 64 -11.18 -4.04 7.90
N ASP A 65 -11.04 -4.38 6.61
CA ASP A 65 -12.09 -4.12 5.65
C ASP A 65 -13.16 -5.21 5.65
N LEU A 66 -12.79 -6.44 6.03
CA LEU A 66 -13.79 -7.49 6.19
C LEU A 66 -14.72 -7.18 7.37
N LEU A 67 -14.17 -6.62 8.45
CA LEU A 67 -14.98 -6.24 9.58
C LEU A 67 -15.89 -5.07 9.29
N VAL A 68 -15.58 -4.27 8.25
CA VAL A 68 -16.48 -3.18 7.85
C VAL A 68 -17.77 -3.76 7.28
N GLY A 69 -17.67 -4.59 6.25
CA GLY A 69 -18.81 -5.20 5.61
C GLY A 69 -19.49 -6.30 6.39
N LEU A 70 -18.94 -6.67 7.55
CA LEU A 70 -19.53 -7.69 8.40
C LEU A 70 -20.27 -7.11 9.60
N PHE A 71 -19.95 -5.88 10.02
CA PHE A 71 -20.57 -5.29 11.20
C PHE A 71 -21.05 -3.87 10.92
N VAL A 72 -20.19 -3.04 10.34
CA VAL A 72 -20.54 -1.64 10.10
C VAL A 72 -21.62 -1.54 9.01
N MET A 73 -21.31 -2.03 7.81
CA MET A 73 -22.19 -1.83 6.68
C MET A 73 -23.56 -2.50 6.80
N PRO A 74 -23.70 -3.71 7.39
CA PRO A 74 -25.06 -4.26 7.53
C PRO A 74 -25.97 -3.41 8.41
N ILE A 75 -25.47 -2.93 9.55
CA ILE A 75 -26.26 -2.05 10.39
C ILE A 75 -26.47 -0.68 9.74
N ALA A 76 -25.56 -0.28 8.85
CA ALA A 76 -25.74 0.98 8.12
C ALA A 76 -26.93 0.93 7.17
N LEU A 77 -27.44 -0.26 6.86
CA LEU A 77 -28.66 -0.38 6.07
C LEU A 77 -29.91 -0.13 6.91
N LEU A 78 -29.87 -0.47 8.20
CA LEU A 78 -31.01 -0.22 9.08
C LEU A 78 -31.25 1.27 9.26
N THR A 79 -30.22 2.11 9.11
CA THR A 79 -30.39 3.55 9.09
C THR A 79 -31.08 4.05 7.83
N ILE A 80 -31.17 3.20 6.81
CA ILE A 80 -31.89 3.54 5.58
C ILE A 80 -33.32 3.00 5.62
N MET A 81 -33.49 1.76 6.11
CA MET A 81 -34.83 1.19 6.21
C MET A 81 -35.64 1.87 7.30
N PHE A 82 -35.01 2.19 8.41
CA PHE A 82 -35.67 2.85 9.55
C PHE A 82 -34.91 4.13 9.87
N GLU A 83 -34.97 5.10 8.95
CA GLU A 83 -34.27 6.36 9.14
C GLU A 83 -34.87 7.19 10.27
N ALA A 84 -36.08 6.86 10.72
CA ALA A 84 -36.74 7.68 11.73
C ALA A 84 -36.09 7.50 13.10
N MET A 85 -35.82 6.25 13.49
CA MET A 85 -35.35 5.98 14.84
C MET A 85 -34.47 4.74 14.85
N TRP A 86 -33.53 4.72 15.80
CA TRP A 86 -32.58 3.63 15.98
C TRP A 86 -33.30 2.39 16.51
N PRO A 87 -33.34 1.29 15.75
CA PRO A 87 -34.13 0.12 16.19
C PRO A 87 -33.43 -0.71 17.25
N LEU A 88 -32.12 -0.92 17.08
CA LEU A 88 -31.35 -1.78 17.97
C LEU A 88 -31.29 -1.16 19.37
N PRO A 89 -30.84 -1.95 20.38
CA PRO A 89 -30.69 -1.38 21.73
C PRO A 89 -29.81 -0.13 21.76
N LEU A 90 -29.96 0.65 22.84
CA LEU A 90 -29.23 1.90 22.95
C LEU A 90 -27.72 1.68 22.94
N VAL A 91 -27.26 0.68 23.69
CA VAL A 91 -25.83 0.44 23.84
C VAL A 91 -25.17 0.06 22.51
N LEU A 92 -25.94 -0.39 21.53
CA LEU A 92 -25.37 -0.70 20.22
C LEU A 92 -25.08 0.54 19.40
N CYS A 93 -25.71 1.68 19.72
CA CYS A 93 -25.50 2.88 18.92
C CYS A 93 -24.11 3.47 19.12
N PRO A 94 -23.58 3.63 20.33
CA PRO A 94 -22.18 4.05 20.44
C PRO A 94 -21.20 2.99 19.98
N ALA A 95 -21.56 1.70 20.13
CA ALA A 95 -20.69 0.62 19.69
C ALA A 95 -20.55 0.62 18.17
N TRP A 96 -21.66 0.74 17.46
CA TRP A 96 -21.62 0.73 16.00
C TRP A 96 -20.87 1.95 15.47
N LEU A 97 -21.13 3.13 16.03
CA LEU A 97 -20.41 4.32 15.63
C LEU A 97 -18.93 4.20 15.90
N PHE A 98 -18.57 3.54 17.01
CA PHE A 98 -17.17 3.36 17.35
C PHE A 98 -16.47 2.47 16.33
N LEU A 99 -17.07 1.30 16.04
CA LEU A 99 -16.48 0.40 15.06
C LEU A 99 -16.46 1.02 13.67
N ASP A 100 -17.42 1.90 13.37
CA ASP A 100 -17.46 2.55 12.07
C ASP A 100 -16.25 3.46 11.87
N VAL A 101 -15.91 4.25 12.89
CA VAL A 101 -14.76 5.13 12.78
C VAL A 101 -13.46 4.35 12.90
N LEU A 102 -13.46 3.30 13.73
CA LEU A 102 -12.25 2.52 13.95
C LEU A 102 -11.79 1.83 12.66
N PHE A 103 -12.67 1.04 12.06
CA PHE A 103 -12.28 0.26 10.88
C PHE A 103 -12.02 1.15 9.67
N SER A 104 -12.81 2.22 9.50
CA SER A 104 -12.61 3.10 8.36
C SER A 104 -11.26 3.81 8.45
N THR A 105 -10.88 4.24 9.65
CA THR A 105 -9.56 4.86 9.83
C THR A 105 -8.44 3.84 9.68
N ALA A 106 -8.68 2.59 10.11
CA ALA A 106 -7.66 1.55 9.98
C ALA A 106 -7.34 1.26 8.52
N SER A 107 -8.34 1.35 7.63
CA SER A 107 -8.10 1.10 6.22
C SER A 107 -7.25 2.19 5.58
N ILE A 108 -7.51 3.45 5.94
CA ILE A 108 -6.79 4.56 5.34
C ILE A 108 -5.34 4.57 5.80
N TRP A 109 -5.11 4.40 7.10
CA TRP A 109 -3.76 4.44 7.65
C TRP A 109 -2.96 3.20 7.29
N HIS A 110 -3.61 2.10 6.94
CA HIS A 110 -2.88 0.94 6.42
C HIS A 110 -2.17 1.27 5.13
N LEU A 111 -2.87 1.92 4.19
CA LEU A 111 -2.26 2.25 2.91
C LEU A 111 -1.18 3.31 3.05
N CYS A 112 -1.35 4.25 3.98
CA CYS A 112 -0.31 5.24 4.23
C CYS A 112 0.99 4.57 4.68
N ALA A 113 0.89 3.53 5.52
CA ALA A 113 2.08 2.81 5.94
C ALA A 113 2.68 2.00 4.79
N ILE A 114 1.82 1.35 4.00
CA ILE A 114 2.28 0.60 2.84
C ILE A 114 2.99 1.51 1.85
N SER A 115 2.45 2.71 1.65
CA SER A 115 3.08 3.67 0.74
C SER A 115 4.49 4.03 1.20
N VAL A 116 4.65 4.28 2.51
CA VAL A 116 5.97 4.60 3.04
C VAL A 116 6.88 3.37 2.99
N ASP A 117 6.33 2.20 3.34
CA ASP A 117 7.11 0.96 3.29
C ASP A 117 7.66 0.72 1.90
N ARG A 118 6.85 0.97 0.86
CA ARG A 118 7.33 0.80 -0.51
C ARG A 118 8.42 1.80 -0.85
N TYR A 119 8.33 3.02 -0.31
CA TYR A 119 9.37 4.02 -0.56
C TYR A 119 10.66 3.65 0.14
N ILE A 120 10.58 3.15 1.36
CA ILE A 120 11.77 2.69 2.08
C ILE A 120 12.44 1.55 1.32
N ALA A 121 11.64 0.64 0.76
CA ALA A 121 12.19 -0.50 0.03
C ALA A 121 12.89 -0.08 -1.26
N ILE A 122 12.65 1.14 -1.73
CA ILE A 122 13.35 1.66 -2.91
C ILE A 122 14.63 2.38 -2.51
N LYS A 123 14.57 3.16 -1.42
CA LYS A 123 15.75 3.91 -0.99
C LYS A 123 16.75 3.01 -0.27
N LYS A 124 16.27 2.03 0.49
CA LYS A 124 17.13 1.15 1.28
C LYS A 124 16.70 -0.29 1.07
N PRO A 125 17.13 -0.91 -0.03
CA PRO A 125 16.78 -2.32 -0.25
C PRO A 125 17.58 -3.29 0.62
N ILE A 126 18.55 -2.81 1.39
CA ILE A 126 19.45 -3.71 2.11
C ILE A 126 18.71 -4.44 3.22
N GLN A 127 17.93 -3.70 4.01
CA GLN A 127 17.28 -4.29 5.18
C GLN A 127 16.23 -5.31 4.77
N ALA A 128 16.31 -6.50 5.35
CA ALA A 128 15.39 -7.57 5.00
C ALA A 128 15.43 -8.66 6.06
N ASN A 129 14.27 -9.31 6.25
CA ASN A 129 14.14 -10.46 7.14
C ASN A 129 14.64 -10.19 8.55
N ASN A 132 12.29 -5.31 8.46
CA ASN A 132 11.36 -6.02 7.58
C ASN A 132 11.24 -7.49 7.97
N SER A 133 11.26 -7.76 9.26
CA SER A 133 11.17 -9.12 9.77
C SER A 133 9.71 -9.41 10.15
N ARG A 134 9.47 -10.51 10.87
CA ARG A 134 8.14 -10.77 11.39
C ARG A 134 7.78 -9.81 12.53
N ALA A 135 8.79 -9.34 13.27
CA ALA A 135 8.52 -8.41 14.36
C ALA A 135 8.24 -7.02 13.84
N THR A 136 9.02 -6.56 12.86
CA THR A 136 8.79 -5.25 12.27
C THR A 136 7.38 -5.11 11.72
N ALA A 137 6.82 -6.20 11.18
CA ALA A 137 5.44 -6.16 10.71
C ALA A 137 4.48 -5.98 11.87
N PHE A 138 4.68 -6.74 12.95
CA PHE A 138 3.79 -6.66 14.10
C PHE A 138 3.83 -5.28 14.75
N ILE A 139 5.00 -4.64 14.75
CA ILE A 139 5.10 -3.28 15.27
C ILE A 139 4.27 -2.33 14.42
N LYS A 140 4.41 -2.43 13.09
CA LYS A 140 3.64 -1.57 12.20
C LYS A 140 2.15 -1.88 12.29
N ILE A 141 1.80 -3.16 12.43
CA ILE A 141 0.40 -3.54 12.58
C ILE A 141 -0.20 -2.89 13.83
N THR A 142 0.50 -3.02 14.95
CA THR A 142 -0.02 -2.53 16.22
C THR A 142 -0.19 -1.02 16.20
N VAL A 143 0.82 -0.30 15.70
CA VAL A 143 0.77 1.16 15.69
C VAL A 143 -0.45 1.65 14.92
N VAL A 144 -0.68 1.07 13.74
CA VAL A 144 -1.82 1.48 12.91
C VAL A 144 -3.13 1.26 13.66
N TRP A 145 -3.28 0.09 14.27
CA TRP A 145 -4.50 -0.19 15.03
C TRP A 145 -4.59 0.67 16.29
N LEU A 146 -3.44 1.03 16.87
CA LEU A 146 -3.46 1.93 18.02
C LEU A 146 -3.83 3.35 17.61
N ILE A 147 -3.34 3.79 16.45
CA ILE A 147 -3.71 5.10 15.93
C ILE A 147 -5.21 5.18 15.69
N SER A 148 -5.78 4.13 15.10
CA SER A 148 -7.20 4.14 14.75
C SER A 148 -8.09 4.13 16.00
N ILE A 149 -7.66 3.44 17.05
CA ILE A 149 -8.44 3.42 18.29
C ILE A 149 -8.49 4.82 18.90
N GLY A 150 -7.35 5.50 18.96
CA GLY A 150 -7.30 6.83 19.55
C GLY A 150 -8.14 7.85 18.80
N ILE A 151 -8.35 7.63 17.50
CA ILE A 151 -9.19 8.53 16.72
C ILE A 151 -10.67 8.19 16.86
N ALA A 152 -11.01 6.90 17.02
CA ALA A 152 -12.39 6.48 17.16
C ALA A 152 -12.90 6.49 18.60
N ILE A 153 -12.04 6.80 19.56
CA ILE A 153 -12.38 6.68 20.98
C ILE A 153 -13.18 7.86 21.52
N PRO A 154 -13.17 9.07 20.93
CA PRO A 154 -14.07 10.12 21.45
C PRO A 154 -15.54 9.80 21.28
N VAL A 155 -15.90 8.91 20.36
CA VAL A 155 -17.30 8.60 20.05
C VAL A 155 -17.99 7.90 21.22
N PRO A 156 -17.47 6.76 21.72
CA PRO A 156 -18.16 6.12 22.87
C PRO A 156 -17.95 6.86 24.17
N ILE A 157 -16.87 7.61 24.31
CA ILE A 157 -16.62 8.36 25.54
C ILE A 157 -17.66 9.47 25.70
N LYS A 158 -17.81 10.31 24.67
CA LYS A 158 -18.83 11.36 24.70
C LYS A 158 -20.22 10.75 24.69
N GLY A 159 -20.51 9.93 23.69
CA GLY A 159 -21.71 9.12 23.68
C GLY A 159 -22.89 9.78 22.98
N ILE A 160 -23.96 8.99 22.87
CA ILE A 160 -25.18 9.50 22.27
C ILE A 160 -25.80 10.56 23.16
N GLU A 161 -26.66 11.39 22.56
CA GLU A 161 -27.25 12.54 23.23
C GLU A 161 -28.52 12.19 24.00
N THR A 162 -28.74 10.90 24.30
CA THR A 162 -29.94 10.44 25.00
C THR A 162 -30.17 11.18 26.31
N ASP A 165 -34.53 12.13 31.22
CA ASP A 165 -35.50 11.12 30.84
C ASP A 165 -35.53 10.92 29.33
N ASN A 166 -35.96 9.75 28.88
CA ASN A 166 -35.98 9.49 27.44
C ASN A 166 -36.99 8.40 27.12
N PRO A 167 -37.77 8.56 26.05
CA PRO A 167 -38.62 7.44 25.61
C PRO A 167 -37.81 6.41 24.82
N ASN A 168 -36.50 6.37 25.06
CA ASN A 168 -35.54 5.58 24.29
C ASN A 168 -35.57 5.92 22.81
N ASN A 169 -36.04 7.12 22.48
CA ASN A 169 -36.03 7.64 21.11
C ASN A 169 -34.62 8.13 20.80
N ILE A 170 -33.88 7.35 20.02
CA ILE A 170 -32.47 7.60 19.75
C ILE A 170 -32.26 7.75 18.26
N THR A 171 -31.49 8.78 17.87
CA THR A 171 -31.05 8.98 16.49
C THR A 171 -29.54 8.78 16.48
N CYS A 172 -29.09 7.65 15.94
CA CYS A 172 -27.66 7.34 15.89
C CYS A 172 -26.96 8.18 14.83
N VAL A 173 -26.52 9.37 15.21
CA VAL A 173 -25.93 10.32 14.26
C VAL A 173 -24.94 11.21 15.00
N LEU A 174 -23.93 11.68 14.27
CA LEU A 174 -22.93 12.59 14.81
C LEU A 174 -23.37 14.02 14.49
N THR A 175 -24.09 14.62 15.43
CA THR A 175 -24.61 15.97 15.23
C THR A 175 -23.48 16.99 15.25
N LYS A 176 -23.74 18.14 14.62
CA LYS A 176 -22.76 19.22 14.61
C LYS A 176 -22.66 19.90 15.97
N GLU A 177 -23.75 19.90 16.74
CA GLU A 177 -23.71 20.54 18.06
C GLU A 177 -22.80 19.78 19.01
N ARG A 178 -22.91 18.46 19.04
CA ARG A 178 -22.19 17.64 20.01
C ARG A 178 -20.79 17.29 19.54
N PHE A 179 -20.65 16.79 18.31
CA PHE A 179 -19.38 16.31 17.79
C PHE A 179 -18.78 17.23 16.74
N GLY A 180 -19.10 18.53 16.81
CA GLY A 180 -18.57 19.46 15.82
C GLY A 180 -17.04 19.56 15.85
N ASP A 181 -16.46 19.56 17.04
CA ASP A 181 -15.00 19.58 17.14
C ASP A 181 -14.40 18.26 16.70
N PHE A 182 -15.13 17.16 16.87
CA PHE A 182 -14.62 15.85 16.46
C PHE A 182 -14.64 15.71 14.94
N MET A 183 -15.76 16.07 14.31
CA MET A 183 -15.88 15.91 12.86
C MET A 183 -14.82 16.71 12.11
N LEU A 184 -14.31 17.78 12.72
CA LEU A 184 -13.29 18.59 12.07
C LEU A 184 -11.90 17.97 12.23
N PHE A 185 -11.42 17.87 13.46
CA PHE A 185 -10.08 17.35 13.72
C PHE A 185 -10.01 15.84 13.57
N GLY A 186 -11.13 15.13 13.68
CA GLY A 186 -11.13 13.69 13.44
C GLY A 186 -11.02 13.34 11.98
N SER A 187 -11.44 14.23 11.09
CA SER A 187 -11.21 14.03 9.67
C SER A 187 -9.80 14.40 9.27
N LEU A 188 -9.18 15.36 9.99
CA LEU A 188 -7.80 15.73 9.70
C LEU A 188 -6.85 14.60 10.02
N ALA A 189 -7.02 13.97 11.19
CA ALA A 189 -6.08 12.93 11.60
C ALA A 189 -6.31 11.63 10.84
N ALA A 190 -7.57 11.32 10.53
CA ALA A 190 -7.90 10.02 9.94
C ALA A 190 -7.75 10.00 8.42
N PHE A 191 -8.00 11.12 7.74
CA PHE A 191 -8.01 11.13 6.28
C PHE A 191 -6.98 12.10 5.70
N PHE A 192 -7.02 13.38 6.08
CA PHE A 192 -6.17 14.36 5.41
C PHE A 192 -4.71 14.23 5.83
N THR A 193 -4.44 13.80 7.07
CA THR A 193 -3.05 13.62 7.48
C THR A 193 -2.38 12.49 6.71
N PRO A 194 -2.95 11.28 6.62
CA PRO A 194 -2.33 10.28 5.74
C PRO A 194 -2.39 10.64 4.27
N LEU A 195 -3.35 11.48 3.88
CA LEU A 195 -3.38 11.98 2.50
C LEU A 195 -2.16 12.84 2.21
N ALA A 196 -1.80 13.74 3.13
CA ALA A 196 -0.63 14.58 2.92
C ALA A 196 0.65 13.75 2.90
N ILE A 197 0.73 12.75 3.78
CA ILE A 197 1.91 11.88 3.82
C ILE A 197 2.10 11.18 2.49
N MET A 198 1.01 10.68 1.91
CA MET A 198 1.11 9.95 0.64
C MET A 198 1.44 10.87 -0.52
N ILE A 199 1.05 12.15 -0.44
CA ILE A 199 1.48 13.12 -1.44
C ILE A 199 2.98 13.36 -1.34
N VAL A 200 3.50 13.45 -0.12
CA VAL A 200 4.93 13.67 0.07
C VAL A 200 5.72 12.45 -0.41
N THR A 201 5.33 11.25 0.05
CA THR A 201 6.02 10.04 -0.37
C THR A 201 5.87 9.79 -1.86
N TYR A 202 4.86 10.37 -2.50
CA TYR A 202 4.73 10.26 -3.95
C TYR A 202 5.89 10.94 -4.66
N PHE A 203 6.08 12.23 -4.40
CA PHE A 203 7.17 12.97 -5.04
C PHE A 203 8.53 12.50 -4.55
N LEU A 204 8.60 11.96 -3.32
CA LEU A 204 9.85 11.37 -2.85
C LEU A 204 10.20 10.13 -3.66
N THR A 205 9.21 9.38 -4.13
CA THR A 205 9.45 8.19 -4.92
C THR A 205 9.89 8.52 -6.33
N ILE A 206 9.32 9.57 -6.93
CA ILE A 206 9.75 10.01 -8.26
C ILE A 206 11.23 10.39 -8.23
N HIS A 207 11.65 11.13 -7.20
CA HIS A 207 13.05 11.49 -7.06
C HIS A 207 13.91 10.27 -6.73
N ALA A 208 13.36 9.30 -6.01
CA ALA A 208 14.14 8.13 -5.64
C ALA A 208 14.40 7.22 -6.84
N LEU A 209 13.40 7.04 -7.71
CA LEU A 209 13.59 6.20 -8.88
C LEU A 209 14.51 6.84 -9.91
N GLN A 210 14.52 8.18 -9.98
CA GLN A 210 15.41 8.87 -10.91
C GLN A 210 16.85 8.86 -10.41
N LYS A 211 17.06 9.12 -9.12
CA LYS A 211 18.40 9.04 -8.56
C LYS A 211 18.95 7.62 -8.63
N LYS A 212 18.07 6.61 -8.50
CA LYS A 212 18.50 5.23 -8.60
C LYS A 212 18.90 4.88 -10.02
N ALA A 213 18.18 5.43 -11.01
CA ALA A 213 18.51 5.16 -12.41
C ALA A 213 19.80 5.87 -12.81
N ALA A 214 19.99 7.11 -12.36
CA ALA A 214 21.20 7.85 -12.71
C ALA A 214 22.45 7.19 -12.13
N ASP A 215 22.33 6.63 -10.91
CA ASP A 215 23.47 5.95 -10.31
C ASP A 215 23.80 4.67 -11.05
N LEU A 216 22.77 3.89 -11.43
CA LEU A 216 23.00 2.69 -12.23
C LEU A 216 23.63 3.04 -13.57
N GLU A 217 23.30 4.21 -14.12
CA GLU A 217 23.85 4.62 -15.40
C GLU A 217 25.34 4.94 -15.27
N ASP A 218 25.75 5.55 -14.16
CA ASP A 218 27.15 5.87 -13.94
C ASP A 218 27.96 4.62 -13.58
N ASN A 219 27.36 3.68 -12.84
CA ASN A 219 28.02 2.40 -12.62
C ASN A 219 28.22 1.65 -13.93
N TRP A 220 27.29 1.81 -14.86
CA TRP A 220 27.44 1.20 -16.17
C TRP A 220 28.63 1.80 -16.91
N GLU A 221 28.73 3.12 -16.93
CA GLU A 221 29.85 3.77 -17.62
C GLU A 221 31.16 3.47 -16.92
N THR A 222 31.15 3.38 -15.58
CA THR A 222 32.37 3.09 -14.84
C THR A 222 32.99 1.77 -15.26
N LEU A 223 32.15 0.73 -15.44
CA LEU A 223 32.64 -0.57 -15.87
C LEU A 223 33.26 -0.48 -17.26
N ASN A 224 32.52 0.10 -18.22
CA ASN A 224 32.98 0.11 -19.60
C ASN A 224 34.21 1.00 -19.77
N ASP A 225 34.23 2.16 -19.11
CA ASP A 225 35.38 3.06 -19.24
C ASP A 225 36.65 2.41 -18.69
N ASN A 226 36.55 1.71 -17.56
CA ASN A 226 37.71 1.03 -17.01
C ASN A 226 38.16 -0.14 -17.88
N LEU A 227 37.25 -0.74 -18.66
CA LEU A 227 37.66 -1.78 -19.59
C LEU A 227 38.62 -1.23 -20.64
N LYS A 228 38.28 -0.08 -21.23
CA LYS A 228 39.19 0.56 -22.17
C LYS A 228 40.48 1.00 -21.50
N VAL A 229 40.41 1.36 -20.22
CA VAL A 229 41.63 1.69 -19.47
C VAL A 229 42.54 0.47 -19.38
N ILE A 230 41.94 -0.71 -19.15
CA ILE A 230 42.73 -1.93 -19.06
C ILE A 230 43.31 -2.30 -20.42
N GLU A 231 42.52 -2.19 -21.48
CA GLU A 231 42.99 -2.57 -22.81
C GLU A 231 44.15 -1.69 -23.26
N LYS A 232 43.98 -0.38 -23.16
CA LYS A 232 45.01 0.57 -23.55
C LYS A 232 46.08 0.77 -22.48
N ALA A 233 46.04 0.00 -21.40
CA ALA A 233 47.03 0.14 -20.35
C ALA A 233 48.39 -0.36 -20.82
N ASP A 234 49.44 0.33 -20.38
CA ASP A 234 50.81 -0.12 -20.57
C ASP A 234 51.46 -0.60 -19.27
N ASN A 235 50.92 -0.21 -18.12
CA ASN A 235 51.51 -0.52 -16.82
C ASN A 235 50.57 -1.41 -16.01
N ALA A 236 51.17 -2.21 -15.12
CA ALA A 236 50.37 -3.08 -14.27
C ALA A 236 49.62 -2.29 -13.20
N ALA A 237 50.26 -1.25 -12.65
CA ALA A 237 49.61 -0.46 -11.61
C ALA A 237 48.35 0.22 -12.11
N GLN A 238 48.26 0.48 -13.43
CA GLN A 238 47.03 1.02 -13.99
C GLN A 238 45.93 -0.03 -14.05
N VAL A 239 46.30 -1.29 -14.28
CA VAL A 239 45.31 -2.36 -14.29
C VAL A 239 44.84 -2.66 -12.87
N LYS A 240 45.70 -2.45 -11.87
CA LYS A 240 45.33 -2.78 -10.49
C LYS A 240 44.24 -1.86 -9.98
N ASP A 241 44.39 -0.55 -10.18
CA ASP A 241 43.39 0.42 -9.78
C ASP A 241 42.34 0.67 -10.86
N ALA A 242 42.24 -0.23 -11.85
CA ALA A 242 41.12 -0.25 -12.78
C ALA A 242 40.15 -1.39 -12.51
N LEU A 243 40.64 -2.52 -12.00
CA LEU A 243 39.76 -3.62 -11.59
C LEU A 243 39.16 -3.37 -10.22
N THR A 244 39.89 -2.70 -9.32
CA THR A 244 39.31 -2.35 -8.03
C THR A 244 38.15 -1.39 -8.18
N LYS A 245 38.28 -0.40 -9.06
CA LYS A 245 37.18 0.53 -9.30
C LYS A 245 36.01 -0.15 -9.99
N MET A 246 36.29 -1.17 -10.83
CA MET A 246 35.21 -1.96 -11.40
C MET A 246 34.52 -2.79 -10.33
N ARG A 247 35.30 -3.45 -9.47
CA ARG A 247 34.73 -4.26 -8.41
C ARG A 247 33.87 -3.43 -7.47
N ALA A 248 34.22 -2.17 -7.26
CA ALA A 248 33.40 -1.29 -6.43
C ALA A 248 32.09 -0.94 -7.13
N ALA A 249 32.17 -0.54 -8.40
CA ALA A 249 30.96 -0.20 -9.14
C ALA A 249 30.08 -1.41 -9.37
N ALA A 250 30.67 -2.60 -9.49
CA ALA A 250 29.88 -3.82 -9.63
C ALA A 250 29.08 -4.10 -8.36
N LEU A 251 29.75 -4.08 -7.21
CA LEU A 251 29.04 -4.27 -5.95
C LEU A 251 28.05 -3.16 -5.67
N ASP A 252 28.37 -1.94 -6.13
CA ASP A 252 27.48 -0.80 -5.91
C ASP A 252 26.17 -0.98 -6.65
N ALA A 253 26.23 -1.42 -7.91
CA ALA A 253 25.01 -1.63 -8.69
C ALA A 253 24.23 -2.85 -8.22
N GLN A 254 24.93 -3.83 -7.63
CA GLN A 254 24.25 -5.02 -7.14
C GLN A 254 23.48 -4.73 -5.85
N LYS A 255 23.98 -3.81 -5.02
CA LYS A 255 23.34 -3.46 -3.77
C LYS A 255 22.06 -2.63 -3.96
N ALA A 256 21.75 -2.23 -5.19
CA ALA A 256 20.51 -1.51 -5.48
C ALA A 256 19.32 -2.44 -5.66
N THR A 257 19.45 -3.71 -5.29
CA THR A 257 18.36 -4.67 -5.47
C THR A 257 18.45 -5.71 -4.36
N PRO A 258 17.33 -6.02 -3.70
CA PRO A 258 17.34 -7.08 -2.68
C PRO A 258 17.74 -8.42 -3.28
N PRO A 259 18.46 -9.25 -2.53
CA PRO A 259 18.95 -10.52 -3.08
C PRO A 259 17.82 -11.37 -3.63
N LYS A 260 18.14 -12.15 -4.67
CA LYS A 260 17.19 -13.10 -5.23
C LYS A 260 16.78 -14.17 -4.22
N LEU A 261 17.55 -14.31 -3.14
CA LEU A 261 17.12 -15.14 -2.01
C LEU A 261 15.74 -14.74 -1.52
N GLU A 262 15.42 -13.44 -1.60
CA GLU A 262 14.18 -12.91 -1.06
C GLU A 262 13.20 -12.54 -2.18
N PRO A 269 9.69 -16.23 -10.24
CA PRO A 269 11.07 -16.33 -9.74
C PRO A 269 11.75 -17.62 -10.16
N GLU A 270 11.00 -18.50 -10.83
CA GLU A 270 11.58 -19.72 -11.35
C GLU A 270 12.53 -19.45 -12.51
N MET A 271 12.35 -18.32 -13.20
CA MET A 271 13.14 -18.01 -14.38
C MET A 271 14.45 -17.33 -13.97
N LYS A 272 15.15 -16.77 -14.96
CA LYS A 272 16.55 -16.39 -14.80
C LYS A 272 16.72 -15.27 -13.79
N ASP A 273 17.82 -15.32 -13.04
CA ASP A 273 18.21 -14.29 -12.09
C ASP A 273 19.48 -13.61 -12.62
N PHE A 274 19.33 -12.36 -13.07
CA PHE A 274 20.46 -11.61 -13.62
C PHE A 274 21.34 -11.01 -12.52
N ARG A 275 20.78 -10.77 -11.34
CA ARG A 275 21.54 -10.17 -10.25
C ARG A 275 22.74 -10.99 -9.87
N HIS A 276 22.72 -12.30 -10.13
CA HIS A 276 23.86 -13.17 -9.86
C HIS A 276 25.06 -12.84 -10.74
N GLY A 277 24.85 -12.12 -11.85
CA GLY A 277 25.97 -11.82 -12.74
C GLY A 277 27.04 -10.98 -12.11
N PHE A 278 26.71 -10.25 -11.03
CA PHE A 278 27.72 -9.49 -10.32
C PHE A 278 28.59 -10.39 -9.46
N ASP A 279 27.99 -11.44 -8.87
CA ASP A 279 28.80 -12.45 -8.19
C ASP A 279 29.78 -13.10 -9.17
N ILE A 280 29.32 -13.35 -10.40
CA ILE A 280 30.21 -13.85 -11.45
C ILE A 280 31.24 -12.79 -11.82
N LEU A 281 30.78 -11.56 -12.04
CA LEU A 281 31.68 -10.49 -12.46
C LEU A 281 32.77 -10.24 -11.43
N VAL A 282 32.38 -10.08 -10.16
CA VAL A 282 33.35 -9.83 -9.10
C VAL A 282 34.35 -10.98 -8.99
N GLY A 283 33.87 -12.22 -9.13
CA GLY A 283 34.77 -13.35 -9.05
C GLY A 283 35.84 -13.35 -10.12
N GLN A 284 35.48 -12.98 -11.35
CA GLN A 284 36.48 -12.86 -12.40
C GLN A 284 37.43 -11.70 -12.14
N ILE A 285 36.89 -10.57 -11.67
CA ILE A 285 37.73 -9.41 -11.38
C ILE A 285 38.80 -9.76 -10.35
N ASP A 286 38.43 -10.52 -9.32
CA ASP A 286 39.40 -10.91 -8.30
C ASP A 286 40.50 -11.76 -8.89
N ASP A 287 40.15 -12.74 -9.74
CA ASP A 287 41.16 -13.55 -10.40
C ASP A 287 42.03 -12.71 -11.32
N ALA A 288 41.41 -11.86 -12.12
CA ALA A 288 42.17 -10.98 -13.02
C ALA A 288 43.04 -9.99 -12.26
N LEU A 289 42.66 -9.65 -11.02
CA LEU A 289 43.50 -8.82 -10.17
C LEU A 289 44.55 -9.62 -9.43
N LYS A 290 44.25 -10.89 -9.10
CA LYS A 290 45.29 -11.78 -8.58
C LYS A 290 46.39 -12.01 -9.61
N LEU A 291 46.02 -12.07 -10.89
CA LEU A 291 47.04 -12.11 -11.94
C LEU A 291 47.80 -10.79 -12.00
N ALA A 292 47.12 -9.67 -11.78
CA ALA A 292 47.79 -8.39 -11.76
C ALA A 292 48.72 -8.25 -10.56
N ASN A 293 48.39 -8.93 -9.45
CA ASN A 293 49.29 -8.90 -8.29
C ASN A 293 50.56 -9.69 -8.57
N GLU A 294 50.44 -10.86 -9.20
CA GLU A 294 51.62 -11.63 -9.54
C GLU A 294 52.50 -10.91 -10.57
N GLY A 295 51.90 -10.09 -11.42
CA GLY A 295 52.62 -9.36 -12.45
C GLY A 295 52.29 -9.75 -13.87
N LYS A 296 51.53 -10.83 -14.08
CA LYS A 296 51.19 -11.30 -15.42
C LYS A 296 50.18 -10.32 -16.04
N VAL A 297 50.71 -9.27 -16.65
CA VAL A 297 49.87 -8.22 -17.22
C VAL A 297 49.15 -8.72 -18.47
N LYS A 298 49.91 -9.23 -19.44
CA LYS A 298 49.32 -9.65 -20.70
C LYS A 298 48.28 -10.75 -20.49
N GLU A 299 48.47 -11.60 -19.48
CA GLU A 299 47.47 -12.60 -19.16
C GLU A 299 46.26 -11.97 -18.47
N ALA A 300 46.47 -10.90 -17.70
CA ALA A 300 45.36 -10.27 -16.99
C ALA A 300 44.46 -9.50 -17.94
N GLN A 301 45.04 -8.84 -18.95
CA GLN A 301 44.23 -8.11 -19.93
C GLN A 301 43.33 -9.06 -20.71
N ALA A 302 43.77 -10.30 -20.93
CA ALA A 302 42.93 -11.27 -21.63
C ALA A 302 41.71 -11.64 -20.80
N ALA A 303 41.87 -11.73 -19.48
CA ALA A 303 40.73 -12.06 -18.61
C ALA A 303 39.76 -10.90 -18.53
N ALA A 304 40.26 -9.66 -18.54
CA ALA A 304 39.39 -8.50 -18.54
C ALA A 304 38.59 -8.39 -19.82
N GLU A 305 39.13 -8.92 -20.93
CA GLU A 305 38.36 -8.97 -22.17
C GLU A 305 37.18 -9.93 -22.06
N GLN A 306 37.33 -11.02 -21.29
CA GLN A 306 36.26 -11.95 -21.06
C GLN A 306 35.25 -11.47 -20.03
N LEU A 307 35.55 -10.37 -19.32
CA LEU A 307 34.55 -9.72 -18.48
C LEU A 307 33.39 -9.19 -19.30
N LYS A 308 33.61 -8.91 -20.59
CA LYS A 308 32.52 -8.43 -21.43
C LYS A 308 31.47 -9.50 -21.65
N THR A 309 31.87 -10.78 -21.66
CA THR A 309 30.90 -11.86 -21.81
C THR A 309 29.92 -11.88 -20.65
N THR A 310 30.42 -11.71 -19.43
CA THR A 310 29.54 -11.61 -18.26
C THR A 310 28.67 -10.37 -18.35
N ARG A 311 29.24 -9.26 -18.85
CA ARG A 311 28.50 -8.01 -18.95
C ARG A 311 27.37 -8.11 -19.97
N ASN A 312 27.67 -8.64 -21.16
CA ASN A 312 26.67 -8.69 -22.23
C ASN A 312 25.51 -9.60 -21.88
N ALA A 313 25.72 -10.57 -21.00
CA ALA A 313 24.68 -11.54 -20.69
C ALA A 313 23.81 -11.10 -19.50
N TYR A 314 24.44 -10.77 -18.38
CA TYR A 314 23.74 -10.46 -17.14
C TYR A 314 23.55 -8.96 -16.92
N ILE A 315 24.67 -8.23 -16.83
CA ILE A 315 24.63 -6.85 -16.34
C ILE A 315 23.74 -5.98 -17.22
N GLN A 316 23.77 -6.20 -18.53
CA GLN A 316 23.05 -5.32 -19.44
C GLN A 316 21.54 -5.41 -19.22
N LYS A 317 21.01 -6.62 -19.15
CA LYS A 317 19.58 -6.82 -18.93
C LYS A 317 19.16 -6.64 -17.48
N TYR A 318 20.13 -6.63 -16.55
CA TYR A 318 19.79 -6.38 -15.15
C TYR A 318 19.41 -4.92 -14.93
N LEU A 319 20.10 -4.00 -15.60
CA LEU A 319 19.85 -2.58 -15.39
C LEU A 319 18.45 -2.19 -15.86
N VAL A 320 18.02 -2.72 -17.01
CA VAL A 320 16.70 -2.39 -17.52
C VAL A 320 15.62 -3.11 -16.72
N GLN A 321 15.89 -4.35 -16.30
CA GLN A 321 14.90 -5.08 -15.50
C GLN A 321 14.68 -4.44 -14.15
N THR A 322 15.72 -3.82 -13.58
CA THR A 322 15.59 -3.19 -12.27
C THR A 322 14.81 -1.88 -12.37
N ILE A 323 15.13 -1.05 -13.35
CA ILE A 323 14.47 0.24 -13.49
C ILE A 323 13.03 0.07 -13.96
N SER A 324 12.80 -0.82 -14.93
CA SER A 324 11.47 -0.98 -15.48
C SER A 324 10.50 -1.57 -14.46
N ASN A 325 10.96 -2.52 -13.65
CA ASN A 325 10.08 -3.15 -12.67
C ASN A 325 9.79 -2.21 -11.50
N GLU A 326 10.80 -1.46 -11.05
CA GLU A 326 10.56 -0.46 -10.01
C GLU A 326 9.69 0.69 -10.51
N GLN A 327 9.67 0.93 -11.81
CA GLN A 327 8.84 1.98 -12.38
C GLN A 327 7.40 1.52 -12.53
N ARG A 328 7.20 0.30 -13.05
CA ARG A 328 5.85 -0.20 -13.27
C ARG A 328 5.13 -0.48 -11.96
N ALA A 329 5.84 -1.03 -10.97
CA ALA A 329 5.22 -1.31 -9.68
C ALA A 329 4.89 -0.03 -8.93
N SER A 330 5.64 1.05 -9.18
CA SER A 330 5.35 2.33 -8.54
C SER A 330 4.14 3.00 -9.17
N LYS A 331 3.97 2.88 -10.49
CA LYS A 331 2.84 3.52 -11.16
C LYS A 331 1.52 2.86 -10.80
N VAL A 332 1.49 1.53 -10.74
CA VAL A 332 0.24 0.84 -10.43
C VAL A 332 -0.12 1.00 -8.96
N LEU A 333 0.87 1.13 -8.09
CA LEU A 333 0.57 1.32 -6.67
C LEU A 333 0.01 2.71 -6.40
N GLY A 334 0.43 3.71 -7.19
CA GLY A 334 -0.12 5.04 -7.02
C GLY A 334 -1.56 5.15 -7.50
N ILE A 335 -1.88 4.48 -8.60
CA ILE A 335 -3.23 4.56 -9.16
C ILE A 335 -4.25 3.97 -8.19
N VAL A 336 -3.98 2.76 -7.70
CA VAL A 336 -4.93 2.10 -6.82
C VAL A 336 -5.05 2.83 -5.48
N PHE A 337 -3.97 3.48 -5.03
CA PHE A 337 -4.02 4.30 -3.83
C PHE A 337 -4.55 5.70 -4.10
N PHE A 338 -4.65 6.10 -5.37
CA PHE A 338 -5.26 7.37 -5.73
C PHE A 338 -6.78 7.25 -5.78
N LEU A 339 -7.29 6.21 -6.46
CA LEU A 339 -8.72 6.01 -6.54
C LEU A 339 -9.34 5.75 -5.17
N PHE A 340 -8.60 5.07 -4.28
CA PHE A 340 -9.08 4.89 -2.91
C PHE A 340 -9.26 6.24 -2.22
N LEU A 341 -8.23 7.08 -2.24
CA LEU A 341 -8.32 8.39 -1.62
C LEU A 341 -9.35 9.26 -2.33
N LEU A 342 -9.45 9.13 -3.66
CA LEU A 342 -10.35 9.98 -4.42
C LEU A 342 -11.81 9.69 -4.11
N MET A 343 -12.15 8.42 -3.85
CA MET A 343 -13.53 8.07 -3.54
C MET A 343 -13.90 8.33 -2.08
N TRP A 344 -12.91 8.50 -1.21
CA TRP A 344 -13.14 8.94 0.16
C TRP A 344 -13.19 10.47 0.27
N CYS A 345 -12.82 11.19 -0.78
CA CYS A 345 -12.84 12.64 -0.81
C CYS A 345 -14.25 13.23 -0.74
N PRO A 346 -15.24 12.70 -1.47
CA PRO A 346 -16.58 13.31 -1.38
C PRO A 346 -17.17 13.30 0.02
N PHE A 347 -16.79 12.35 0.86
CA PHE A 347 -17.33 12.30 2.21
C PHE A 347 -16.65 13.32 3.13
N PHE A 348 -15.32 13.28 3.19
CA PHE A 348 -14.61 14.09 4.17
C PHE A 348 -14.64 15.58 3.82
N ILE A 349 -14.57 15.90 2.52
CA ILE A 349 -14.70 17.30 2.10
C ILE A 349 -16.07 17.84 2.50
N THR A 350 -17.12 17.03 2.31
CA THR A 350 -18.45 17.41 2.75
C THR A 350 -18.53 17.48 4.27
N ASN A 351 -17.86 16.55 4.95
CA ASN A 351 -17.92 16.48 6.40
C ASN A 351 -17.27 17.70 7.04
N ILE A 352 -16.20 18.20 6.42
CA ILE A 352 -15.51 19.37 6.95
C ILE A 352 -16.37 20.61 6.80
N THR A 353 -16.87 20.85 5.58
CA THR A 353 -17.68 22.05 5.33
C THR A 353 -19.01 22.02 6.07
N LEU A 354 -19.45 20.84 6.54
CA LEU A 354 -20.64 20.80 7.38
C LEU A 354 -20.41 21.53 8.70
N VAL A 355 -19.17 21.56 9.18
CA VAL A 355 -18.84 22.24 10.42
C VAL A 355 -18.40 23.68 10.16
N LEU A 356 -17.72 23.93 9.05
CA LEU A 356 -17.11 25.22 8.75
C LEU A 356 -17.99 26.10 7.87
N CYS A 357 -19.19 25.66 7.52
CA CYS A 357 -20.17 26.47 6.77
C CYS A 357 -21.50 26.44 7.51
N ASP A 358 -21.95 27.61 7.97
CA ASP A 358 -23.25 27.73 8.60
C ASP A 358 -24.31 28.34 7.68
N SER A 359 -23.92 28.88 6.53
CA SER A 359 -24.88 29.29 5.52
C SER A 359 -25.48 28.10 4.78
N CYS A 360 -24.81 26.95 4.82
CA CYS A 360 -25.25 25.78 4.08
C CYS A 360 -26.44 25.12 4.76
N ASN A 361 -27.36 24.58 3.97
CA ASN A 361 -28.50 23.84 4.52
C ASN A 361 -28.01 22.49 5.00
N GLN A 362 -27.98 22.31 6.32
CA GLN A 362 -27.40 21.12 6.92
C GLN A 362 -28.35 19.92 6.95
N THR A 363 -29.56 20.06 6.39
CA THR A 363 -30.44 18.92 6.24
C THR A 363 -30.07 18.10 5.00
N THR A 364 -29.92 18.79 3.86
CA THR A 364 -29.44 18.14 2.65
C THR A 364 -27.94 17.83 2.71
N LEU A 365 -27.19 18.57 3.55
CA LEU A 365 -25.78 18.28 3.74
C LEU A 365 -25.55 17.01 4.53
N GLN A 366 -26.50 16.63 5.39
CA GLN A 366 -26.47 15.33 6.05
C GLN A 366 -26.93 14.23 5.10
N MET A 367 -27.85 14.55 4.18
CA MET A 367 -28.28 13.58 3.18
C MET A 367 -27.13 13.19 2.26
N LEU A 368 -26.26 14.14 1.93
CA LEU A 368 -25.11 13.83 1.09
C LEU A 368 -24.11 12.93 1.80
N LEU A 369 -23.92 13.16 3.11
CA LEU A 369 -23.07 12.27 3.89
C LEU A 369 -23.64 10.85 3.92
N GLU A 370 -24.97 10.71 3.93
CA GLU A 370 -25.58 9.39 3.90
C GLU A 370 -25.27 8.65 2.60
N ILE A 371 -25.01 9.38 1.53
CA ILE A 371 -24.70 8.77 0.24
C ILE A 371 -23.20 8.59 0.07
N PHE A 372 -22.42 9.59 0.46
CA PHE A 372 -20.98 9.56 0.21
C PHE A 372 -20.25 8.52 1.06
N VAL A 373 -20.85 8.07 2.15
CA VAL A 373 -20.22 7.02 2.96
C VAL A 373 -20.16 5.71 2.19
N TRP A 374 -21.17 5.41 1.39
CA TRP A 374 -21.19 4.18 0.62
C TRP A 374 -20.22 4.22 -0.55
N ILE A 375 -19.85 5.41 -1.02
CA ILE A 375 -18.76 5.53 -1.98
C ILE A 375 -17.43 5.19 -1.31
N GLY A 376 -17.28 5.57 -0.04
CA GLY A 376 -16.08 5.27 0.70
C GLY A 376 -16.04 3.83 1.19
N TYR A 377 -17.21 3.29 1.53
CA TYR A 377 -17.29 1.91 1.99
C TYR A 377 -16.80 0.94 0.92
N VAL A 378 -17.34 1.08 -0.30
CA VAL A 378 -16.88 0.22 -1.40
C VAL A 378 -15.44 0.55 -1.76
N SER A 379 -15.02 1.80 -1.55
CA SER A 379 -13.63 2.17 -1.81
C SER A 379 -12.68 1.44 -0.85
N SER A 380 -13.09 1.28 0.41
CA SER A 380 -12.28 0.54 1.35
C SER A 380 -12.47 -0.97 1.21
N GLY A 381 -13.69 -1.40 0.91
CA GLY A 381 -13.99 -2.84 0.94
C GLY A 381 -13.25 -3.61 -0.13
N VAL A 382 -13.27 -3.13 -1.37
CA VAL A 382 -12.63 -3.82 -2.48
C VAL A 382 -11.19 -3.36 -2.68
N ASN A 383 -10.69 -2.44 -1.85
CA ASN A 383 -9.33 -1.95 -2.03
C ASN A 383 -8.27 -3.04 -1.91
N PRO A 384 -8.31 -3.95 -0.93
CA PRO A 384 -7.29 -5.02 -0.91
C PRO A 384 -7.41 -5.96 -2.10
N LEU A 385 -8.62 -6.22 -2.59
CA LEU A 385 -8.80 -7.11 -3.73
C LEU A 385 -8.16 -6.53 -4.99
N VAL A 386 -8.50 -5.28 -5.31
CA VAL A 386 -7.93 -4.63 -6.49
C VAL A 386 -6.41 -4.61 -6.39
N TYR A 387 -5.87 -4.35 -5.20
CA TYR A 387 -4.43 -4.26 -5.03
C TYR A 387 -3.76 -5.61 -5.30
N THR A 388 -4.35 -6.69 -4.79
CA THR A 388 -3.78 -8.02 -4.95
C THR A 388 -4.01 -8.62 -6.34
N LEU A 389 -4.87 -8.01 -7.16
CA LEU A 389 -5.11 -8.50 -8.51
C LEU A 389 -4.02 -8.12 -9.50
N PHE A 390 -2.91 -7.55 -9.02
CA PHE A 390 -1.73 -7.33 -9.83
C PHE A 390 -0.59 -8.26 -9.46
N ASN A 391 -0.82 -9.19 -8.54
CA ASN A 391 0.12 -10.23 -8.17
C ASN A 391 -0.41 -11.56 -8.67
N LYS A 392 0.35 -12.21 -9.55
CA LYS A 392 -0.17 -13.40 -10.22
C LYS A 392 -0.43 -14.53 -9.23
N THR A 393 0.41 -14.67 -8.22
CA THR A 393 0.20 -15.71 -7.21
C THR A 393 -1.14 -15.51 -6.51
N PHE A 394 -1.51 -14.26 -6.24
CA PHE A 394 -2.81 -13.98 -5.64
C PHE A 394 -3.95 -14.31 -6.60
N ARG A 395 -3.82 -13.89 -7.87
CA ARG A 395 -4.88 -14.14 -8.84
C ARG A 395 -5.12 -15.63 -9.04
N ASP A 396 -4.05 -16.40 -9.22
CA ASP A 396 -4.20 -17.83 -9.40
C ASP A 396 -4.82 -18.49 -8.17
N ALA A 397 -4.56 -17.93 -6.98
CA ALA A 397 -5.21 -18.43 -5.79
C ALA A 397 -6.70 -18.08 -5.80
N PHE A 398 -7.04 -16.85 -6.19
CA PHE A 398 -8.44 -16.45 -6.25
C PHE A 398 -9.22 -17.29 -7.26
N GLY A 399 -8.60 -17.58 -8.41
CA GLY A 399 -9.27 -18.38 -9.42
C GLY A 399 -9.60 -19.78 -8.95
N ARG A 400 -8.77 -20.34 -8.06
CA ARG A 400 -9.07 -21.65 -7.49
C ARG A 400 -10.09 -21.56 -6.37
N TYR A 401 -10.15 -20.42 -5.68
CA TYR A 401 -11.08 -20.29 -4.55
C TYR A 401 -12.51 -20.10 -5.04
N ILE A 402 -12.71 -19.29 -6.08
CA ILE A 402 -14.04 -19.05 -6.61
C ILE A 402 -14.64 -20.30 -7.22
N THR A 403 -13.80 -21.24 -7.65
CA THR A 403 -14.25 -22.56 -8.10
C THR A 403 -14.21 -23.59 -6.97
N CYS A 404 -13.94 -23.16 -5.74
CA CYS A 404 -14.03 -24.00 -4.54
C CYS A 404 -13.09 -25.20 -4.64
N ASN A 405 -11.84 -24.94 -5.03
CA ASN A 405 -10.85 -26.00 -5.21
C ASN A 405 -9.94 -26.16 -3.98
N TYR A 406 -9.16 -25.13 -3.66
CA TYR A 406 -8.23 -25.12 -2.52
C TYR A 406 -7.22 -26.26 -2.72
N ARG A 407 -7.00 -27.10 -1.72
CA ARG A 407 -6.07 -28.21 -1.80
C ARG A 407 -6.39 -29.19 -0.68
C4 H8D B . -13.88 11.09 11.46
C14 H8D B . -19.64 8.60 10.03
C5 H8D B . -15.16 11.61 11.66
C6 H8D B . -16.07 9.57 10.74
C11 H8D B . -16.85 7.99 9.32
C7 H8D B . -14.62 7.99 10.07
C8 H8D B . -13.29 7.90 10.07
C9 H8D B . -17.21 8.84 10.38
C10 H8D B . -18.53 9.27 10.52
C12 H8D B . -17.66 6.33 7.88
C13 H8D B . -19.14 7.90 8.77
N1 H8D B . -12.76 9.03 10.58
N2 H8D B . -17.97 7.08 9.03
C3 H8D B . -14.81 9.17 10.59
N3 H8D B . -22.10 8.71 9.87
C1 H8D B . -13.74 9.88 10.92
C15 H8D B . -15.63 7.15 9.66
C16 H8D B . -20.91 9.39 9.75
C19 H8D B . -23.35 9.42 9.76
C2 H8D B . -16.28 10.84 11.29
C20 H8D B . -24.21 8.86 8.65
C21 H8D B . -23.70 9.35 7.30
C22 H8D B . -24.10 9.32 11.06
O1 H8D B . -20.85 10.69 9.39
O2 H8D B . -23.53 10.20 12.01
C1 CLR C . -16.36 -17.95 0.22
C2 CLR C . -15.08 -18.55 -0.35
C3 CLR C . -15.34 -19.13 -1.72
C4 CLR C . -15.74 -18.01 -2.67
C5 CLR C . -16.84 -17.16 -2.11
C6 CLR C . -17.76 -16.69 -2.97
C7 CLR C . -19.11 -16.14 -2.56
C8 CLR C . -19.05 -15.58 -1.15
C9 CLR C . -18.35 -16.55 -0.22
C10 CLR C . -16.90 -16.81 -0.63
C11 CLR C . -18.42 -16.12 1.26
C12 CLR C . -19.84 -15.77 1.71
C13 CLR C . -20.43 -14.73 0.78
C14 CLR C . -20.45 -15.31 -0.62
C15 CLR C . -21.35 -14.38 -1.42
C16 CLR C . -22.38 -13.89 -0.39
C17 CLR C . -21.91 -14.39 0.99
C18 CLR C . -19.62 -13.43 0.84
C19 CLR C . -16.07 -15.56 -0.40
C20 CLR C . -22.18 -13.41 2.12
C21 CLR C . -22.46 -14.16 3.43
C22 CLR C . -23.32 -12.44 1.79
C23 CLR C . -24.67 -12.92 2.31
C24 CLR C . -25.30 -11.93 3.28
C25 CLR C . -25.71 -10.63 2.58
C26 CLR C . -27.20 -10.58 2.34
C27 CLR C . -25.24 -9.42 3.39
O1 CLR C . -14.14 -19.77 -2.20
C1 OLA D . -14.84 16.07 20.93
O1 OLA D . -15.10 16.89 20.02
O2 OLA D . -15.79 15.56 21.58
C2 OLA D . -13.42 15.66 21.24
C3 OLA D . -12.49 16.13 20.12
C4 OLA D . -11.76 14.94 19.51
C5 OLA D . -10.45 15.34 18.87
C6 OLA D . -10.15 14.47 17.64
C7 OLA D . -9.49 13.16 18.06
C8 OLA D . -7.99 13.30 18.21
C9 OLA D . -7.39 12.00 18.68
C10 OLA D . -6.49 11.36 17.94
C11 OLA D . -5.17 12.03 17.63
C12 OLA D . -4.06 10.99 17.47
C13 OLA D . -3.90 10.14 18.71
C14 OLA D . -4.07 8.65 18.40
C15 OLA D . -2.84 7.86 18.85
C10 OLC E . -1.44 16.55 -6.00
C9 OLC E . -1.43 15.25 -6.30
C11 OLC E . -0.15 17.33 -5.97
C8 OLC E . -0.14 14.55 -6.62
C24 OLC E . 5.08 4.61 -3.57
C12 OLC E . -0.26 18.51 -6.94
C7 OLC E . -0.35 13.04 -6.62
C6 OLC E . -0.89 12.52 -5.30
C5 OLC E . -0.99 11.00 -5.30
C4 OLC E . -1.43 10.45 -3.95
C3 OLC E . -1.01 9.00 -3.77
C2 OLC E . 0.45 8.82 -4.15
C21 OLC E . 3.03 6.02 -3.36
C1 OLC E . 1.04 7.57 -3.56
C22 OLC E . 4.28 5.75 -4.19
O19 OLC E . 0.39 6.86 -2.80
O25 OLC E . 5.61 5.00 -2.31
O23 OLC E . 3.90 5.41 -5.52
O20 OLC E . 2.41 7.20 -3.89
C1 PEG F . 0.99 -5.10 -6.89
O1 PEG F . 2.39 -4.75 -7.03
C2 PEG F . 0.50 -5.60 -5.51
O2 PEG F . 1.17 -6.56 -4.95
C3 PEG F . 0.65 -7.19 -3.74
C4 PEG F . 1.51 -8.28 -3.09
O4 PEG F . 2.71 -7.90 -2.57
P PO4 G . 22.03 -13.07 -6.17
O1 PO4 G . 22.07 -14.39 -6.91
O2 PO4 G . 22.24 -13.31 -4.70
O3 PO4 G . 23.14 -12.17 -6.69
O4 PO4 G . 20.69 -12.41 -6.39
P PO4 H . -8.24 -15.04 -12.47
O1 PO4 H . -7.96 -16.35 -11.78
O2 PO4 H . -6.93 -14.43 -12.92
O3 PO4 H . -9.12 -15.29 -13.68
O4 PO4 H . -8.94 -14.10 -11.52
#